data_2OIG
#
_entry.id   2OIG
#
_cell.length_a   58.188
_cell.length_b   81.883
_cell.length_c   87.123
_cell.angle_alpha   90.00
_cell.angle_beta   90.00
_cell.angle_gamma   90.00
#
_symmetry.space_group_name_H-M   'P 21 21 21'
#
loop_
_entity.id
_entity.type
_entity.pdbx_description
1 polymer RS21-C6
2 non-polymer "2'-DEOXY-5-METHYLCYTIDINE 5'-(TETRAHYDROGEN TRIPHOSPHATE)"
3 water water
#
_entity_poly.entity_id   1
_entity_poly.type   'polypeptide(L)'
_entity_poly.pdbx_seq_one_letter_code
;GPLGSRPFRFSPEPTLEDIRRLHAEFAAERDWEQFHQPRNLLLALVGEVGELAELFQWKSDTEPGPQAWPPKERAALQEE
LSDVLIYLVALAARCHVDLPQAVISKMDTNR
;
_entity_poly.pdbx_strand_id   A,B,C,D
#
loop_
_chem_comp.id
_chem_comp.type
_chem_comp.name
_chem_comp.formula
523 non-polymer '2'-DEOXY-5-METHYLCYTIDINE 5'-(TETRAHYDROGEN TRIPHOSPHATE)' 'C10 H19 N3 O13 P3 1'
#
# COMPACT_ATOMS: atom_id res chain seq x y z
N PRO A 7 -24.25 -16.06 2.65
CA PRO A 7 -23.94 -15.75 1.22
C PRO A 7 -24.30 -14.30 0.75
N PHE A 8 -24.10 -13.35 1.68
CA PHE A 8 -24.24 -11.87 1.63
C PHE A 8 -24.77 -10.90 0.53
N ARG A 9 -24.94 -9.61 0.93
CA ARG A 9 -25.44 -8.53 0.04
C ARG A 9 -25.23 -6.98 0.35
N PHE A 10 -24.84 -6.23 -0.67
CA PHE A 10 -24.71 -4.77 -0.56
C PHE A 10 -26.08 -4.21 -0.87
N SER A 11 -26.27 -2.92 -0.65
CA SER A 11 -27.53 -2.28 -0.94
C SER A 11 -27.55 -1.93 -2.41
N PRO A 12 -28.74 -1.56 -2.93
CA PRO A 12 -28.82 -1.21 -4.34
C PRO A 12 -28.25 0.21 -4.49
N GLU A 13 -28.02 0.91 -3.39
CA GLU A 13 -27.51 2.27 -3.53
C GLU A 13 -26.82 2.75 -2.27
N PRO A 14 -25.98 3.78 -2.41
CA PRO A 14 -25.73 4.42 -3.68
C PRO A 14 -25.03 3.56 -4.74
N THR A 15 -24.86 4.17 -5.91
CA THR A 15 -24.17 3.54 -7.02
C THR A 15 -22.86 4.27 -7.21
N LEU A 16 -21.96 3.69 -7.98
CA LEU A 16 -20.64 4.31 -8.13
C LEU A 16 -20.63 5.74 -8.72
N GLU A 17 -21.59 6.03 -9.59
CA GLU A 17 -21.68 7.38 -10.14
C GLU A 17 -22.40 8.21 -9.06
N ASP A 18 -23.29 7.57 -8.32
CA ASP A 18 -24.02 8.25 -7.27
C ASP A 18 -23.01 8.63 -6.22
N ILE A 19 -22.03 7.77 -6.02
CA ILE A 19 -20.98 8.06 -5.06
C ILE A 19 -20.00 9.03 -5.71
N ARG A 20 -19.66 8.76 -6.96
CA ARG A 20 -18.72 9.62 -7.70
C ARG A 20 -19.28 11.02 -7.85
N ARG A 21 -20.59 11.13 -7.68
CA ARG A 21 -21.29 12.40 -7.81
C ARG A 21 -21.17 13.18 -6.52
N LEU A 22 -21.81 12.70 -5.47
CA LEU A 22 -21.75 13.40 -4.21
C LEU A 22 -20.32 13.75 -3.82
N HIS A 23 -19.39 12.80 -3.98
CA HIS A 23 -18.03 13.09 -3.59
C HIS A 23 -17.43 14.20 -4.41
N ALA A 24 -18.18 14.69 -5.37
CA ALA A 24 -17.70 15.81 -6.17
C ALA A 24 -18.23 16.97 -5.38
N GLU A 25 -19.55 17.07 -5.34
CA GLU A 25 -20.26 18.12 -4.63
C GLU A 25 -19.55 18.39 -3.33
N PHE A 26 -19.41 17.32 -2.54
CA PHE A 26 -18.78 17.37 -1.23
C PHE A 26 -17.45 18.10 -1.27
N ALA A 27 -16.50 17.50 -1.95
CA ALA A 27 -15.16 18.05 -2.10
C ALA A 27 -15.25 19.53 -2.39
N ALA A 28 -15.37 19.87 -3.67
CA ALA A 28 -15.43 21.26 -4.12
C ALA A 28 -16.55 22.06 -3.44
N GLU A 29 -16.72 21.82 -2.15
CA GLU A 29 -17.71 22.48 -1.32
C GLU A 29 -16.88 22.84 -0.09
N ARG A 30 -15.60 22.48 -0.22
CA ARG A 30 -14.49 22.71 0.71
C ARG A 30 -13.33 23.01 -0.22
N ASP A 31 -13.71 23.33 -1.43
CA ASP A 31 -12.79 23.62 -2.50
C ASP A 31 -11.78 22.46 -2.56
N TRP A 32 -12.23 21.28 -2.13
CA TRP A 32 -11.43 20.05 -2.13
C TRP A 32 -11.35 19.38 -3.53
N GLU A 33 -11.46 20.13 -4.61
CA GLU A 33 -11.36 19.56 -5.97
C GLU A 33 -10.02 19.96 -6.63
N GLN A 34 -9.34 20.94 -6.05
CA GLN A 34 -8.09 21.45 -6.64
C GLN A 34 -7.00 20.43 -6.37
N PHE A 35 -7.31 19.52 -5.44
CA PHE A 35 -6.39 18.45 -5.08
C PHE A 35 -6.70 17.14 -5.72
N HIS A 36 -7.37 17.11 -6.87
CA HIS A 36 -7.70 15.86 -7.50
C HIS A 36 -6.93 15.74 -8.79
N GLN A 37 -5.64 15.59 -8.59
CA GLN A 37 -4.70 15.43 -9.65
C GLN A 37 -4.40 13.99 -9.31
N PRO A 38 -4.36 13.12 -10.32
CA PRO A 38 -4.12 11.68 -10.28
C PRO A 38 -3.31 11.17 -9.11
N ARG A 39 -2.04 11.58 -9.11
CA ARG A 39 -1.06 11.21 -8.09
C ARG A 39 -1.40 11.58 -6.67
N ASN A 40 -1.57 12.88 -6.40
CA ASN A 40 -1.91 13.29 -5.05
C ASN A 40 -2.98 12.31 -4.64
N LEU A 41 -3.97 12.11 -5.51
CA LEU A 41 -5.05 11.15 -5.26
C LEU A 41 -4.55 9.72 -5.06
N LEU A 42 -3.62 9.26 -5.88
CA LEU A 42 -3.10 7.91 -5.77
C LEU A 42 -2.41 7.66 -4.43
N LEU A 43 -1.78 8.71 -3.89
CA LEU A 43 -1.08 8.64 -2.62
C LEU A 43 -2.04 8.64 -1.49
N ALA A 44 -3.21 9.23 -1.71
CA ALA A 44 -4.28 9.34 -0.73
C ALA A 44 -4.93 7.99 -0.50
N LEU A 45 -5.04 7.23 -1.59
CA LEU A 45 -5.62 5.91 -1.57
C LEU A 45 -4.69 5.00 -0.79
N VAL A 46 -3.40 5.19 -1.03
CA VAL A 46 -2.37 4.41 -0.37
C VAL A 46 -2.34 4.80 1.10
N GLY A 47 -2.61 6.06 1.40
CA GLY A 47 -2.62 6.46 2.78
C GLY A 47 -3.78 5.84 3.55
N GLU A 48 -4.88 5.61 2.84
CA GLU A 48 -6.07 5.05 3.46
C GLU A 48 -6.06 3.55 3.25
N VAL A 49 -5.26 3.11 2.31
CA VAL A 49 -5.17 1.69 2.08
C VAL A 49 -4.30 1.20 3.22
N GLY A 50 -3.68 2.15 3.92
CA GLY A 50 -2.81 1.79 5.01
C GLY A 50 -3.45 1.73 6.38
N GLU A 51 -4.49 2.53 6.61
CA GLU A 51 -5.18 2.52 7.87
C GLU A 51 -5.89 1.20 7.89
N LEU A 52 -6.49 0.84 6.77
CA LEU A 52 -7.23 -0.42 6.63
C LEU A 52 -6.38 -1.61 7.03
N ALA A 53 -5.10 -1.57 6.69
CA ALA A 53 -4.21 -2.65 7.05
C ALA A 53 -3.99 -2.62 8.57
N GLU A 54 -3.63 -1.44 9.11
CA GLU A 54 -3.39 -1.28 10.54
C GLU A 54 -4.43 -2.00 11.38
N LEU A 55 -5.58 -2.25 10.81
CA LEU A 55 -6.62 -2.93 11.57
C LEU A 55 -6.50 -4.46 11.47
N PHE A 56 -5.98 -4.94 10.34
CA PHE A 56 -5.83 -6.38 10.14
C PHE A 56 -4.45 -6.89 10.48
N GLN A 57 -3.57 -6.01 10.93
CA GLN A 57 -2.21 -6.42 11.26
C GLN A 57 -2.19 -7.26 12.54
N TRP A 58 -3.31 -7.22 13.26
CA TRP A 58 -3.42 -7.92 14.52
C TRP A 58 -4.30 -9.14 14.50
N LYS A 59 -4.93 -9.38 13.36
CA LYS A 59 -5.82 -10.51 13.29
C LYS A 59 -5.12 -11.66 12.58
N SER A 60 -5.91 -12.64 12.15
CA SER A 60 -5.40 -13.79 11.43
C SER A 60 -6.66 -14.27 10.75
N ASP A 61 -6.55 -14.83 9.55
CA ASP A 61 -7.76 -15.28 8.85
C ASP A 61 -8.41 -16.53 9.37
N THR A 62 -7.71 -17.20 10.30
CA THR A 62 -8.23 -18.40 10.90
C THR A 62 -9.28 -17.93 11.90
N GLU A 63 -9.35 -16.62 12.06
CA GLU A 63 -10.26 -16.00 12.99
C GLU A 63 -11.51 -15.40 12.36
N PRO A 64 -12.62 -15.41 13.13
CA PRO A 64 -13.96 -14.90 12.82
C PRO A 64 -13.97 -13.46 12.34
N GLY A 65 -14.37 -13.30 11.09
CA GLY A 65 -14.44 -11.97 10.51
C GLY A 65 -14.92 -10.88 11.44
N PRO A 66 -14.72 -9.63 11.04
CA PRO A 66 -15.13 -8.45 11.80
C PRO A 66 -16.57 -8.43 12.31
N GLN A 67 -17.36 -9.47 12.06
CA GLN A 67 -18.75 -9.47 12.52
C GLN A 67 -18.74 -9.59 14.06
N ALA A 68 -17.78 -10.35 14.57
CA ALA A 68 -17.63 -10.57 16.00
C ALA A 68 -16.86 -9.48 16.69
N TRP A 69 -16.12 -8.68 15.94
CA TRP A 69 -15.36 -7.59 16.55
C TRP A 69 -16.28 -6.69 17.40
N PRO A 70 -15.70 -5.99 18.39
CA PRO A 70 -16.51 -5.09 19.23
C PRO A 70 -16.92 -3.93 18.35
N PRO A 71 -18.21 -3.57 18.36
CA PRO A 71 -18.80 -2.48 17.60
C PRO A 71 -17.87 -1.31 17.33
N LYS A 72 -17.01 -0.99 18.28
CA LYS A 72 -16.11 0.14 18.12
C LYS A 72 -15.08 -0.14 17.04
N GLU A 73 -14.51 -1.35 17.08
CA GLU A 73 -13.48 -1.81 16.10
C GLU A 73 -14.15 -2.03 14.73
N ARG A 74 -15.41 -2.54 14.78
CA ARG A 74 -16.25 -2.84 13.62
C ARG A 74 -16.87 -1.57 13.01
N ALA A 75 -16.75 -0.45 13.71
CA ALA A 75 -17.32 0.77 13.19
C ALA A 75 -16.23 1.52 12.46
N ALA A 76 -15.00 1.36 12.93
CA ALA A 76 -13.85 2.03 12.35
C ALA A 76 -13.42 1.33 11.10
N LEU A 77 -13.87 0.09 10.94
CA LEU A 77 -13.57 -0.73 9.76
C LEU A 77 -14.48 -0.27 8.60
N GLN A 78 -15.68 0.23 8.91
CA GLN A 78 -16.61 0.73 7.89
C GLN A 78 -16.14 2.03 7.38
N GLU A 79 -15.41 2.75 8.21
CA GLU A 79 -14.89 4.04 7.82
C GLU A 79 -13.84 3.83 6.74
N GLU A 80 -12.75 3.19 7.13
CA GLU A 80 -11.65 2.92 6.22
C GLU A 80 -12.12 2.26 4.92
N LEU A 81 -12.95 1.24 5.05
CA LEU A 81 -13.41 0.56 3.86
C LEU A 81 -14.11 1.58 2.99
N SER A 82 -14.70 2.58 3.60
CA SER A 82 -15.42 3.57 2.83
C SER A 82 -14.51 4.70 2.30
N ASP A 83 -13.48 5.07 3.09
CA ASP A 83 -12.55 6.11 2.66
C ASP A 83 -11.67 5.54 1.57
N VAL A 84 -11.53 4.22 1.53
CA VAL A 84 -10.72 3.56 0.50
C VAL A 84 -11.46 3.54 -0.85
N LEU A 85 -12.78 3.38 -0.81
CA LEU A 85 -13.55 3.33 -2.03
C LEU A 85 -13.71 4.73 -2.57
N ILE A 86 -13.72 5.69 -1.67
CA ILE A 86 -13.88 7.10 -2.03
C ILE A 86 -12.69 7.67 -2.79
N TYR A 87 -11.49 7.32 -2.35
CA TYR A 87 -10.35 7.85 -3.03
C TYR A 87 -10.20 7.05 -4.30
N LEU A 88 -10.58 5.78 -4.26
CA LEU A 88 -10.46 4.98 -5.46
C LEU A 88 -11.36 5.57 -6.52
N VAL A 89 -12.53 6.02 -6.12
CA VAL A 89 -13.49 6.59 -7.05
C VAL A 89 -12.99 7.95 -7.54
N ALA A 90 -12.47 8.75 -6.61
CA ALA A 90 -11.97 10.07 -6.97
C ALA A 90 -10.80 9.91 -7.93
N LEU A 91 -10.11 8.78 -7.85
CA LEU A 91 -8.96 8.52 -8.72
C LEU A 91 -9.43 8.16 -10.14
N ALA A 92 -10.27 7.14 -10.22
CA ALA A 92 -10.82 6.66 -11.48
C ALA A 92 -11.39 7.82 -12.29
N ALA A 93 -12.25 8.61 -11.65
CA ALA A 93 -12.87 9.74 -12.30
C ALA A 93 -11.82 10.69 -12.91
N ARG A 94 -10.88 11.17 -12.11
CA ARG A 94 -9.87 12.08 -12.65
C ARG A 94 -9.14 11.38 -13.78
N CYS A 95 -9.19 10.06 -13.82
CA CYS A 95 -8.53 9.29 -14.88
C CYS A 95 -9.53 9.01 -16.01
N HIS A 96 -10.70 9.60 -15.88
CA HIS A 96 -11.77 9.45 -16.87
C HIS A 96 -11.97 7.99 -17.15
N VAL A 97 -11.95 7.18 -16.11
CA VAL A 97 -12.15 5.75 -16.31
C VAL A 97 -13.56 5.37 -15.87
N ASP A 98 -14.32 4.75 -16.74
CA ASP A 98 -15.67 4.29 -16.39
C ASP A 98 -15.42 3.13 -15.42
N LEU A 99 -15.01 3.47 -14.20
CA LEU A 99 -14.71 2.44 -13.20
C LEU A 99 -15.73 1.30 -13.20
N PRO A 100 -17.03 1.60 -13.36
CA PRO A 100 -18.07 0.57 -13.38
C PRO A 100 -18.02 -0.39 -14.55
N GLN A 101 -17.62 0.11 -15.72
CA GLN A 101 -17.54 -0.73 -16.92
C GLN A 101 -16.21 -1.44 -16.91
N ALA A 102 -15.17 -0.67 -16.60
CA ALA A 102 -13.80 -1.18 -16.57
C ALA A 102 -13.75 -2.45 -15.76
N VAL A 103 -14.74 -2.60 -14.87
CA VAL A 103 -14.85 -3.75 -13.99
C VAL A 103 -15.35 -4.97 -14.75
N ILE A 104 -16.62 -4.93 -15.14
CA ILE A 104 -17.27 -6.02 -15.86
C ILE A 104 -16.62 -6.35 -17.20
N SER A 105 -16.11 -5.32 -17.87
CA SER A 105 -15.47 -5.49 -19.17
C SER A 105 -14.06 -6.00 -18.95
N LYS A 106 -13.83 -6.53 -17.75
CA LYS A 106 -12.54 -7.07 -17.40
C LYS A 106 -12.76 -8.49 -16.98
N MET A 107 -14.01 -8.87 -16.93
CA MET A 107 -14.30 -10.22 -16.55
C MET A 107 -14.71 -11.00 -17.76
N ASP A 108 -15.17 -10.32 -18.81
CA ASP A 108 -15.44 -11.08 -20.00
C ASP A 108 -13.95 -11.31 -20.44
N THR A 109 -13.31 -12.25 -19.71
CA THR A 109 -11.89 -12.69 -19.88
C THR A 109 -11.57 -13.57 -18.67
N ASN A 110 -10.66 -13.05 -17.85
CA ASN A 110 -10.15 -13.68 -16.63
C ASN A 110 -10.31 -12.65 -15.50
N ARG B 6 -12.32 17.08 -19.26
CA ARG B 6 -12.77 17.83 -18.12
C ARG B 6 -13.66 16.89 -17.24
N PRO B 7 -14.62 17.42 -16.46
CA PRO B 7 -15.45 16.55 -15.60
C PRO B 7 -16.26 15.32 -16.11
N PHE B 8 -15.78 14.15 -15.70
CA PHE B 8 -16.27 12.82 -16.08
C PHE B 8 -17.36 12.09 -15.24
N ARG B 9 -18.11 11.19 -15.88
CA ARG B 9 -19.18 10.41 -15.21
C ARG B 9 -18.99 8.87 -15.21
N PHE B 10 -19.91 8.18 -14.55
CA PHE B 10 -19.87 6.72 -14.46
C PHE B 10 -21.21 6.16 -14.93
N SER B 11 -21.19 5.05 -15.67
CA SER B 11 -22.45 4.45 -16.11
C SER B 11 -23.23 4.07 -14.87
N PRO B 12 -24.57 4.04 -14.99
CA PRO B 12 -25.51 3.71 -13.91
C PRO B 12 -25.52 2.24 -13.48
N GLU B 13 -24.49 1.51 -13.85
CA GLU B 13 -24.40 0.12 -13.48
C GLU B 13 -23.25 -0.62 -14.16
N PRO B 14 -22.95 -1.84 -13.70
CA PRO B 14 -23.70 -2.43 -12.58
C PRO B 14 -23.50 -1.63 -11.30
N THR B 15 -24.30 -1.91 -10.28
CA THR B 15 -24.19 -1.19 -9.03
C THR B 15 -23.13 -1.88 -8.16
N LEU B 16 -22.87 -1.34 -6.99
CA LEU B 16 -21.86 -1.93 -6.12
C LEU B 16 -22.24 -3.36 -5.79
N GLU B 17 -23.53 -3.60 -5.57
CA GLU B 17 -24.00 -4.94 -5.25
C GLU B 17 -23.82 -5.87 -6.44
N ASP B 18 -24.24 -5.41 -7.61
CA ASP B 18 -24.12 -6.21 -8.82
C ASP B 18 -22.68 -6.72 -8.93
N ILE B 19 -21.71 -5.81 -9.01
CA ILE B 19 -20.32 -6.21 -9.10
C ILE B 19 -20.04 -7.33 -8.11
N ARG B 20 -20.51 -7.16 -6.88
CA ARG B 20 -20.34 -8.15 -5.82
C ARG B 20 -20.70 -9.56 -6.29
N ARG B 21 -21.93 -9.74 -6.81
CA ARG B 21 -22.39 -11.04 -7.27
C ARG B 21 -21.54 -11.59 -8.40
N LEU B 22 -21.42 -10.85 -9.48
CA LEU B 22 -20.62 -11.29 -10.60
C LEU B 22 -19.28 -11.86 -10.14
N HIS B 23 -18.49 -11.06 -9.43
CA HIS B 23 -17.19 -11.55 -8.97
C HIS B 23 -17.43 -12.90 -8.29
N ALA B 24 -18.46 -12.97 -7.46
CA ALA B 24 -18.76 -14.21 -6.77
C ALA B 24 -18.85 -15.34 -7.78
N GLU B 25 -19.78 -15.22 -8.73
CA GLU B 25 -19.96 -16.23 -9.76
C GLU B 25 -18.61 -16.58 -10.33
N PHE B 26 -17.83 -15.55 -10.62
CA PHE B 26 -16.52 -15.75 -11.15
C PHE B 26 -15.72 -16.60 -10.16
N ALA B 27 -15.61 -16.15 -8.92
CA ALA B 27 -14.85 -16.85 -7.90
C ALA B 27 -15.52 -18.12 -7.35
N ALA B 28 -16.77 -18.34 -7.72
CA ALA B 28 -17.47 -19.52 -7.24
C ALA B 28 -17.24 -20.57 -8.31
N GLU B 29 -16.71 -20.10 -9.44
CA GLU B 29 -16.43 -20.99 -10.55
C GLU B 29 -15.09 -21.69 -10.33
N ARG B 30 -14.01 -20.92 -10.29
CA ARG B 30 -12.68 -21.50 -10.12
C ARG B 30 -12.32 -21.77 -8.67
N ASP B 31 -13.27 -22.28 -7.89
CA ASP B 31 -13.07 -22.55 -6.47
C ASP B 31 -12.05 -21.57 -5.88
N TRP B 32 -12.52 -20.34 -5.64
CA TRP B 32 -11.67 -19.27 -5.12
C TRP B 32 -12.18 -18.66 -3.82
N GLU B 33 -13.30 -19.17 -3.32
CA GLU B 33 -13.89 -18.67 -2.08
C GLU B 33 -12.99 -18.96 -0.87
N GLN B 34 -12.32 -20.11 -0.91
CA GLN B 34 -11.41 -20.53 0.15
C GLN B 34 -10.33 -19.47 0.19
N PHE B 35 -10.11 -18.85 -0.97
CA PHE B 35 -9.10 -17.81 -1.18
C PHE B 35 -9.51 -16.44 -0.62
N HIS B 36 -10.79 -16.26 -0.30
CA HIS B 36 -11.29 -14.99 0.19
C HIS B 36 -11.44 -14.78 1.68
N GLN B 37 -10.32 -14.73 2.35
CA GLN B 37 -10.33 -14.51 3.76
C GLN B 37 -9.81 -13.05 3.93
N PRO B 38 -10.52 -12.22 4.70
CA PRO B 38 -10.19 -10.82 4.98
C PRO B 38 -8.79 -10.34 4.62
N ARG B 39 -7.86 -10.86 5.39
CA ARG B 39 -6.44 -10.52 5.19
C ARG B 39 -5.84 -10.87 3.80
N ASN B 40 -6.49 -11.83 3.14
CA ASN B 40 -6.03 -12.28 1.84
C ASN B 40 -6.39 -11.17 0.87
N LEU B 41 -7.67 -10.81 0.88
CA LEU B 41 -8.14 -9.76 0.00
C LEU B 41 -7.61 -8.40 0.36
N LEU B 42 -6.98 -8.25 1.50
CA LEU B 42 -6.42 -6.96 1.88
C LEU B 42 -5.05 -6.83 1.25
N LEU B 43 -4.24 -7.87 1.45
CA LEU B 43 -2.90 -7.93 0.90
C LEU B 43 -3.06 -8.07 -0.59
N ALA B 44 -4.13 -8.76 -1.00
CA ALA B 44 -4.45 -8.99 -2.42
C ALA B 44 -4.69 -7.67 -3.07
N LEU B 45 -5.33 -6.78 -2.31
CA LEU B 45 -5.67 -5.43 -2.71
C LEU B 45 -4.52 -4.46 -2.44
N VAL B 46 -3.82 -4.66 -1.33
CA VAL B 46 -2.67 -3.82 -0.99
C VAL B 46 -1.65 -3.91 -2.14
N GLY B 47 -1.62 -5.07 -2.79
CA GLY B 47 -0.70 -5.30 -3.89
C GLY B 47 -1.14 -4.85 -5.26
N GLU B 48 -2.44 -4.80 -5.53
CA GLU B 48 -2.84 -4.33 -6.84
C GLU B 48 -2.65 -2.83 -6.84
N VAL B 49 -2.72 -2.21 -5.66
CA VAL B 49 -2.53 -0.76 -5.47
C VAL B 49 -1.04 -0.45 -5.82
N GLY B 50 -0.21 -1.46 -5.69
CA GLY B 50 1.19 -1.30 -6.03
C GLY B 50 1.31 -1.28 -7.54
N GLU B 51 0.74 -2.29 -8.20
CA GLU B 51 0.78 -2.37 -9.66
C GLU B 51 0.23 -1.07 -10.17
N LEU B 52 -0.75 -0.55 -9.46
CA LEU B 52 -1.40 0.72 -9.79
C LEU B 52 -0.45 1.87 -9.46
N ALA B 53 0.44 1.66 -8.49
CA ALA B 53 1.42 2.67 -8.12
C ALA B 53 2.57 2.73 -9.13
N GLU B 54 2.93 1.56 -9.69
CA GLU B 54 4.02 1.44 -10.66
C GLU B 54 3.71 2.22 -11.92
N LEU B 55 2.43 2.27 -12.26
CA LEU B 55 2.05 2.97 -13.46
C LEU B 55 2.49 4.44 -13.36
N PHE B 56 1.98 5.12 -12.34
CA PHE B 56 2.28 6.52 -12.12
C PHE B 56 3.66 6.86 -11.56
N GLN B 57 4.35 5.89 -10.94
CA GLN B 57 5.66 6.17 -10.35
C GLN B 57 6.54 7.00 -11.27
N TRP B 58 6.68 6.53 -12.51
CA TRP B 58 7.52 7.20 -13.52
C TRP B 58 6.88 8.37 -14.30
N LYS B 59 5.58 8.62 -14.13
CA LYS B 59 4.91 9.73 -14.86
C LYS B 59 5.20 11.13 -14.29
N SER B 60 4.23 12.05 -14.34
CA SER B 60 4.48 13.41 -13.81
C SER B 60 3.32 14.37 -13.47
N ASP B 61 3.64 15.37 -12.62
CA ASP B 61 2.73 16.43 -12.13
C ASP B 61 1.73 16.97 -13.16
N THR B 62 2.15 18.00 -13.90
CA THR B 62 1.35 18.61 -14.95
C THR B 62 2.05 18.33 -16.31
N GLU B 63 2.15 17.04 -16.62
CA GLU B 63 2.76 16.50 -17.86
C GLU B 63 1.58 16.03 -18.73
N PRO B 64 1.81 15.26 -19.81
CA PRO B 64 0.62 14.87 -20.59
C PRO B 64 -0.60 14.59 -19.72
N GLY B 65 -0.53 13.52 -18.93
CA GLY B 65 -1.63 13.16 -18.06
C GLY B 65 -2.27 11.89 -18.56
N PRO B 66 -2.84 11.05 -17.67
CA PRO B 66 -3.49 9.79 -17.98
C PRO B 66 -4.33 9.75 -19.24
N GLN B 67 -5.50 10.37 -19.15
CA GLN B 67 -6.46 10.46 -20.24
C GLN B 67 -5.86 10.72 -21.60
N ALA B 68 -4.57 11.06 -21.62
CA ALA B 68 -3.87 11.34 -22.87
C ALA B 68 -2.72 10.36 -23.07
N TRP B 69 -2.69 9.36 -22.20
CA TRP B 69 -1.68 8.33 -22.26
C TRP B 69 -1.86 7.49 -23.51
N PRO B 70 -0.85 6.70 -23.85
CA PRO B 70 -0.93 5.83 -25.02
C PRO B 70 -2.02 4.85 -24.70
N PRO B 71 -2.55 4.15 -25.70
CA PRO B 71 -3.62 3.19 -25.41
C PRO B 71 -3.23 2.09 -24.41
N LYS B 72 -2.30 1.22 -24.79
CA LYS B 72 -1.89 0.10 -23.95
C LYS B 72 -1.68 0.48 -22.48
N GLU B 73 -1.27 1.71 -22.23
CA GLU B 73 -1.08 2.15 -20.85
C GLU B 73 -2.45 2.46 -20.22
N ARG B 74 -3.25 3.22 -20.96
CA ARG B 74 -4.57 3.66 -20.52
C ARG B 74 -5.38 2.45 -20.22
N ALA B 75 -5.10 1.40 -20.98
CA ALA B 75 -5.80 0.14 -20.86
C ALA B 75 -5.30 -0.64 -19.66
N ALA B 76 -4.01 -0.52 -19.37
CA ALA B 76 -3.44 -1.22 -18.23
C ALA B 76 -3.97 -0.49 -17.02
N LEU B 77 -4.09 0.83 -17.13
CA LEU B 77 -4.60 1.65 -16.03
C LEU B 77 -5.97 1.11 -15.60
N GLN B 78 -6.93 0.98 -16.53
CA GLN B 78 -8.24 0.40 -16.20
C GLN B 78 -8.05 -0.87 -15.38
N GLU B 79 -7.43 -1.88 -16.01
CA GLU B 79 -7.12 -3.15 -15.37
C GLU B 79 -6.86 -2.94 -13.87
N GLU B 80 -5.84 -2.15 -13.60
CA GLU B 80 -5.46 -1.83 -12.25
C GLU B 80 -6.49 -1.17 -11.36
N LEU B 81 -7.32 -0.34 -11.94
CA LEU B 81 -8.35 0.29 -11.11
C LEU B 81 -9.48 -0.73 -10.89
N SER B 82 -9.74 -1.46 -11.96
CA SER B 82 -10.75 -2.51 -11.94
C SER B 82 -10.48 -3.47 -10.80
N ASP B 83 -9.25 -3.96 -10.76
CA ASP B 83 -8.83 -4.90 -9.74
C ASP B 83 -9.03 -4.41 -8.32
N VAL B 84 -8.49 -3.22 -8.06
CA VAL B 84 -8.56 -2.62 -6.74
C VAL B 84 -10.01 -2.66 -6.25
N LEU B 85 -10.97 -2.28 -7.08
CA LEU B 85 -12.36 -2.33 -6.64
C LEU B 85 -12.74 -3.78 -6.30
N ILE B 86 -12.67 -4.65 -7.31
CA ILE B 86 -12.99 -6.07 -7.21
C ILE B 86 -12.50 -6.69 -5.90
N TYR B 87 -11.41 -6.18 -5.34
CA TYR B 87 -10.91 -6.73 -4.09
C TYR B 87 -11.50 -5.97 -2.91
N LEU B 88 -11.64 -4.66 -3.08
CA LEU B 88 -12.24 -3.82 -2.07
C LEU B 88 -13.62 -4.38 -1.87
N VAL B 89 -14.27 -4.74 -2.96
CA VAL B 89 -15.64 -5.25 -2.93
C VAL B 89 -15.77 -6.63 -2.27
N ALA B 90 -14.72 -7.45 -2.37
CA ALA B 90 -14.77 -8.78 -1.78
C ALA B 90 -14.36 -8.84 -0.34
N LEU B 91 -13.51 -7.89 0.09
CA LEU B 91 -13.05 -7.82 1.48
C LEU B 91 -14.21 -7.22 2.23
N ALA B 92 -14.71 -6.11 1.70
CA ALA B 92 -15.84 -5.41 2.30
C ALA B 92 -16.95 -6.42 2.50
N ALA B 93 -17.17 -7.25 1.49
CA ALA B 93 -18.23 -8.23 1.56
C ALA B 93 -17.92 -9.33 2.57
N ARG B 94 -16.70 -9.86 2.52
CA ARG B 94 -16.26 -10.93 3.41
C ARG B 94 -16.28 -10.49 4.89
N CYS B 95 -16.31 -9.18 5.09
CA CYS B 95 -16.32 -8.62 6.44
C CYS B 95 -17.76 -8.33 6.81
N HIS B 96 -18.66 -8.65 5.90
CA HIS B 96 -20.07 -8.39 6.15
C HIS B 96 -20.13 -6.91 6.49
N VAL B 97 -19.79 -6.07 5.52
CA VAL B 97 -19.82 -4.63 5.67
C VAL B 97 -20.64 -4.10 4.49
N ASP B 98 -21.59 -3.20 4.76
CA ASP B 98 -22.44 -2.66 3.69
C ASP B 98 -21.72 -1.50 3.00
N LEU B 99 -20.85 -1.87 2.05
CA LEU B 99 -20.02 -0.93 1.31
C LEU B 99 -20.67 0.28 0.65
N PRO B 100 -21.84 0.10 0.03
CA PRO B 100 -22.43 1.29 -0.59
C PRO B 100 -22.95 2.23 0.48
N GLN B 101 -23.61 1.65 1.49
CA GLN B 101 -24.19 2.45 2.55
C GLN B 101 -23.22 3.00 3.57
N ALA B 102 -22.08 2.34 3.74
CA ALA B 102 -21.08 2.82 4.70
C ALA B 102 -20.40 4.03 4.11
N VAL B 103 -20.69 4.30 2.84
CA VAL B 103 -20.10 5.42 2.12
C VAL B 103 -20.93 6.71 2.33
N ILE B 104 -22.24 6.54 2.56
CA ILE B 104 -23.11 7.69 2.79
C ILE B 104 -22.99 7.99 4.26
N SER B 105 -23.16 6.96 5.07
CA SER B 105 -23.05 7.10 6.51
C SER B 105 -21.81 7.92 6.83
N LYS B 106 -20.86 8.03 5.91
CA LYS B 106 -19.64 8.80 6.15
C LYS B 106 -19.80 10.27 5.74
N MET B 107 -21.05 10.66 5.43
CA MET B 107 -21.43 12.03 5.00
C MET B 107 -22.60 12.33 5.87
N PRO C 7 23.38 -19.10 13.71
CA PRO C 7 22.06 -18.67 14.20
C PRO C 7 21.61 -17.80 13.05
N PHE C 8 20.80 -16.80 13.33
CA PHE C 8 20.44 -15.89 12.27
C PHE C 8 21.21 -14.60 12.48
N ARG C 9 21.44 -13.89 11.38
CA ARG C 9 22.20 -12.67 11.42
C ARG C 9 22.26 -11.99 10.08
N PHE C 10 22.45 -10.68 10.12
CA PHE C 10 22.58 -9.86 8.92
C PHE C 10 24.09 -9.67 8.73
N SER C 11 24.50 -9.45 7.49
CA SER C 11 25.90 -9.23 7.20
C SER C 11 26.29 -7.82 7.65
N PRO C 12 27.48 -7.67 8.24
CA PRO C 12 28.01 -6.40 8.75
C PRO C 12 28.09 -5.30 7.74
N GLU C 13 27.62 -5.58 6.53
CA GLU C 13 27.64 -4.61 5.44
C GLU C 13 27.16 -5.38 4.21
N PRO C 14 26.71 -4.66 3.17
CA PRO C 14 26.57 -3.21 3.02
C PRO C 14 25.74 -2.50 4.07
N THR C 15 26.29 -1.42 4.59
CA THR C 15 25.62 -0.59 5.56
C THR C 15 24.54 0.20 4.83
N LEU C 16 23.72 0.94 5.58
CA LEU C 16 22.66 1.74 4.97
C LEU C 16 23.31 2.82 4.11
N GLU C 17 24.51 3.20 4.50
CA GLU C 17 25.26 4.22 3.79
C GLU C 17 25.80 3.69 2.47
N ASP C 18 26.11 2.40 2.41
CA ASP C 18 26.62 1.80 1.18
C ASP C 18 25.50 1.76 0.15
N ILE C 19 24.45 1.01 0.48
CA ILE C 19 23.30 0.85 -0.38
C ILE C 19 22.76 2.19 -0.92
N ARG C 20 23.04 3.27 -0.19
CA ARG C 20 22.62 4.60 -0.57
C ARG C 20 23.53 5.07 -1.68
N ARG C 21 24.82 4.82 -1.51
CA ARG C 21 25.85 5.22 -2.48
C ARG C 21 25.80 4.36 -3.74
N LEU C 22 25.45 3.08 -3.58
CA LEU C 22 25.41 2.08 -4.66
C LEU C 22 24.34 1.99 -5.76
N HIS C 23 23.16 2.56 -5.54
CA HIS C 23 22.11 2.49 -6.56
C HIS C 23 21.97 3.90 -7.07
N ALA C 24 22.40 4.84 -6.23
CA ALA C 24 22.36 6.26 -6.55
C ALA C 24 23.24 6.51 -7.77
N GLN C 34 16.64 12.52 -12.44
CA GLN C 34 15.30 13.03 -12.66
C GLN C 34 14.35 12.06 -11.98
N PHE C 35 14.29 10.83 -12.51
CA PHE C 35 13.46 9.74 -12.00
C PHE C 35 13.46 9.94 -10.53
N HIS C 36 14.66 9.68 -10.02
CA HIS C 36 15.04 9.74 -8.63
C HIS C 36 14.77 11.10 -7.91
N GLN C 37 13.56 11.62 -8.09
CA GLN C 37 13.12 12.86 -7.43
C GLN C 37 12.20 12.32 -6.30
N PRO C 38 11.67 13.19 -5.44
CA PRO C 38 10.79 12.88 -4.28
C PRO C 38 9.53 12.00 -4.32
N ARG C 39 8.51 12.38 -5.08
CA ARG C 39 7.28 11.58 -5.09
C ARG C 39 7.23 10.48 -6.14
N ASN C 40 8.25 10.42 -6.98
CA ASN C 40 8.32 9.39 -8.01
C ASN C 40 8.94 8.20 -7.28
N LEU C 41 9.76 8.53 -6.28
CA LEU C 41 10.44 7.54 -5.45
C LEU C 41 9.48 6.96 -4.42
N LEU C 42 8.48 7.75 -4.04
CA LEU C 42 7.52 7.29 -3.06
C LEU C 42 6.51 6.39 -3.73
N LEU C 43 6.30 6.58 -5.02
CA LEU C 43 5.35 5.73 -5.71
C LEU C 43 6.01 4.40 -6.06
N ALA C 44 7.34 4.39 -6.14
CA ALA C 44 8.12 3.18 -6.45
C ALA C 44 8.36 2.35 -5.19
N LEU C 45 8.25 2.99 -4.03
CA LEU C 45 8.41 2.31 -2.77
C LEU C 45 7.13 1.51 -2.58
N VAL C 46 6.01 2.19 -2.78
CA VAL C 46 4.73 1.53 -2.62
C VAL C 46 4.57 0.38 -3.62
N GLY C 47 5.28 0.49 -4.75
CA GLY C 47 5.19 -0.56 -5.75
C GLY C 47 5.79 -1.88 -5.29
N GLU C 48 7.03 -1.82 -4.84
CA GLU C 48 7.71 -3.00 -4.35
C GLU C 48 6.96 -3.53 -3.13
N VAL C 49 6.33 -2.64 -2.36
CA VAL C 49 5.58 -3.10 -1.20
C VAL C 49 4.42 -3.87 -1.79
N GLY C 50 4.12 -3.57 -3.04
CA GLY C 50 3.01 -4.22 -3.70
C GLY C 50 3.38 -5.57 -4.23
N GLU C 51 4.66 -5.72 -4.55
CA GLU C 51 5.17 -6.97 -5.07
C GLU C 51 5.43 -7.87 -3.86
N LEU C 52 5.97 -7.26 -2.82
CA LEU C 52 6.27 -7.95 -1.57
C LEU C 52 4.99 -8.47 -0.93
N ALA C 53 3.95 -7.64 -0.97
CA ALA C 53 2.67 -8.02 -0.39
C ALA C 53 2.08 -9.18 -1.16
N GLU C 54 2.43 -9.29 -2.44
CA GLU C 54 1.91 -10.38 -3.27
C GLU C 54 2.48 -11.75 -2.94
N LEU C 55 3.69 -11.78 -2.42
CA LEU C 55 4.28 -13.05 -2.10
C LEU C 55 3.76 -13.52 -0.76
N PHE C 56 2.59 -13.03 -0.36
CA PHE C 56 2.04 -13.44 0.92
C PHE C 56 0.53 -13.62 0.88
N GLN C 57 -0.13 -12.89 0.00
CA GLN C 57 -1.58 -12.94 -0.10
C GLN C 57 -2.27 -14.30 -0.09
N TRP C 58 -1.78 -15.25 -0.87
CA TRP C 58 -2.47 -16.52 -0.90
C TRP C 58 -1.86 -17.55 0.04
N LYS C 59 -1.36 -17.04 1.16
CA LYS C 59 -0.77 -17.89 2.20
C LYS C 59 -1.78 -18.17 3.29
N SER C 60 -1.28 -18.28 4.50
CA SER C 60 -2.14 -18.55 5.63
C SER C 60 -1.32 -18.52 6.90
N ASP C 61 -1.99 -18.44 8.02
CA ASP C 61 -1.26 -18.41 9.26
C ASP C 61 -0.72 -19.78 9.66
N THR C 62 0.61 -19.85 9.48
CA THR C 62 1.48 -21.01 9.67
C THR C 62 2.85 -20.36 9.50
N GLY C 65 6.65 -20.78 8.28
CA GLY C 65 6.73 -19.41 7.83
C GLY C 65 7.35 -19.27 6.44
N PRO C 66 8.09 -18.18 6.19
CA PRO C 66 8.72 -18.00 4.90
C PRO C 66 10.10 -18.63 4.93
N GLN C 67 10.49 -19.10 6.10
CA GLN C 67 11.80 -19.71 6.25
C GLN C 67 11.78 -21.10 5.67
N ALA C 68 10.58 -21.59 5.35
CA ALA C 68 10.45 -22.92 4.77
C ALA C 68 9.75 -22.91 3.41
N TRP C 69 9.97 -21.86 2.63
CA TRP C 69 9.35 -21.79 1.30
C TRP C 69 10.28 -22.36 0.26
N PRO C 70 9.71 -22.86 -0.85
CA PRO C 70 10.45 -23.44 -1.96
C PRO C 70 11.53 -22.44 -2.30
N PRO C 71 12.50 -22.86 -3.09
CA PRO C 71 13.60 -21.97 -3.49
C PRO C 71 13.23 -20.78 -4.37
N LYS C 72 12.59 -21.04 -5.49
CA LYS C 72 12.22 -19.95 -6.38
C LYS C 72 11.34 -18.90 -5.68
N GLU C 73 10.72 -19.27 -4.57
CA GLU C 73 9.89 -18.34 -3.83
C GLU C 73 10.81 -17.56 -2.91
N ARG C 74 11.51 -18.27 -2.03
CA ARG C 74 12.44 -17.66 -1.08
C ARG C 74 13.33 -16.68 -1.86
N ALA C 75 13.75 -17.11 -3.03
CA ALA C 75 14.60 -16.30 -3.88
C ALA C 75 13.93 -15.01 -4.29
N ALA C 76 12.61 -15.03 -4.44
CA ALA C 76 11.87 -13.85 -4.83
C ALA C 76 11.54 -13.03 -3.57
N LEU C 77 11.58 -13.72 -2.43
CA LEU C 77 11.28 -13.10 -1.15
C LEU C 77 12.44 -12.23 -0.74
N GLN C 78 13.64 -12.59 -1.18
CA GLN C 78 14.81 -11.79 -0.86
C GLN C 78 14.93 -10.67 -1.88
N GLU C 79 14.54 -10.99 -3.10
CA GLU C 79 14.60 -10.03 -4.20
C GLU C 79 13.68 -8.84 -3.96
N GLU C 80 12.40 -9.10 -3.77
CA GLU C 80 11.45 -8.03 -3.58
C GLU C 80 11.64 -7.27 -2.27
N LEU C 81 12.18 -7.95 -1.28
CA LEU C 81 12.40 -7.33 0.02
C LEU C 81 13.47 -6.28 -0.05
N SER C 82 14.55 -6.59 -0.76
CA SER C 82 15.68 -5.69 -0.92
C SER C 82 15.27 -4.48 -1.73
N ASP C 83 14.52 -4.75 -2.80
CA ASP C 83 14.01 -3.72 -3.68
C ASP C 83 13.41 -2.60 -2.86
N VAL C 84 12.53 -2.97 -1.93
CA VAL C 84 11.87 -2.02 -1.04
C VAL C 84 12.91 -1.19 -0.31
N LEU C 85 13.85 -1.88 0.34
CA LEU C 85 14.93 -1.21 1.04
C LEU C 85 15.53 -0.17 0.08
N ILE C 86 16.10 -0.65 -1.00
CA ILE C 86 16.72 0.20 -2.02
C ILE C 86 15.97 1.46 -2.38
N TYR C 87 14.65 1.46 -2.26
CA TYR C 87 13.89 2.65 -2.61
C TYR C 87 13.69 3.46 -1.36
N LEU C 88 13.41 2.80 -0.25
CA LEU C 88 13.23 3.50 1.00
C LEU C 88 14.58 4.16 1.23
N VAL C 89 15.61 3.42 0.86
CA VAL C 89 16.94 3.95 0.98
C VAL C 89 16.89 5.25 0.21
N ALA C 90 16.77 5.13 -1.12
CA ALA C 90 16.73 6.26 -2.04
C ALA C 90 15.88 7.43 -1.59
N LEU C 91 14.60 7.17 -1.34
CA LEU C 91 13.66 8.20 -0.93
C LEU C 91 14.13 9.08 0.21
N ALA C 92 14.65 8.44 1.25
CA ALA C 92 15.13 9.14 2.44
C ALA C 92 16.44 9.87 2.17
N ALA C 93 17.34 9.23 1.43
CA ALA C 93 18.63 9.84 1.11
C ALA C 93 18.43 11.08 0.24
N ARG C 94 17.20 11.28 -0.24
CA ARG C 94 16.88 12.42 -1.09
C ARG C 94 16.01 13.40 -0.31
N CYS C 95 15.49 12.96 0.83
CA CYS C 95 14.68 13.83 1.67
C CYS C 95 15.64 14.44 2.67
N HIS C 96 16.88 13.96 2.60
CA HIS C 96 17.96 14.38 3.47
C HIS C 96 17.70 14.03 4.92
N VAL C 97 17.41 12.76 5.16
CA VAL C 97 17.16 12.25 6.49
C VAL C 97 18.19 11.19 6.73
N ASP C 98 18.88 11.33 7.85
CA ASP C 98 19.90 10.39 8.27
C ASP C 98 19.19 9.10 8.65
N LEU C 99 18.64 8.39 7.68
CA LEU C 99 17.93 7.13 7.93
C LEU C 99 18.43 6.32 9.12
N PRO C 100 19.76 6.04 9.18
CA PRO C 100 20.35 5.26 10.27
C PRO C 100 20.13 5.84 11.65
N GLN C 101 20.66 7.02 11.90
CA GLN C 101 20.46 7.62 13.21
C GLN C 101 18.99 7.75 13.54
N ALA C 102 18.24 8.35 12.62
CA ALA C 102 16.81 8.59 12.81
C ALA C 102 16.06 7.40 13.42
N VAL C 103 16.69 6.23 13.39
CA VAL C 103 16.11 5.00 13.92
C VAL C 103 16.31 4.83 15.41
N ILE C 104 17.54 5.07 15.86
CA ILE C 104 17.88 4.89 17.25
C ILE C 104 17.20 5.95 18.08
N SER C 105 17.07 7.12 17.49
CA SER C 105 16.46 8.24 18.17
C SER C 105 15.07 7.82 18.57
N LYS C 106 14.43 7.02 17.73
CA LYS C 106 13.09 6.54 17.99
C LYS C 106 13.11 5.50 19.09
N MET C 107 14.28 4.93 19.34
CA MET C 107 14.43 3.93 20.37
C MET C 107 14.93 4.55 21.66
N ARG D 6 25.29 20.30 -0.17
CA ARG D 6 26.55 19.65 0.22
C ARG D 6 26.34 18.15 0.23
N PRO D 7 27.43 17.36 0.11
CA PRO D 7 27.21 15.91 0.14
C PRO D 7 26.39 15.49 1.35
N PHE D 8 25.30 14.78 1.09
CA PHE D 8 24.47 14.32 2.17
C PHE D 8 24.63 12.82 2.25
N ARG D 9 25.21 12.36 3.36
CA ARG D 9 25.44 10.94 3.52
C ARG D 9 24.87 10.48 4.83
N PHE D 10 24.54 9.20 4.88
CA PHE D 10 24.01 8.59 6.08
C PHE D 10 25.20 8.44 7.01
N SER D 11 24.93 8.29 8.30
CA SER D 11 25.98 8.07 9.27
C SER D 11 26.49 6.63 9.04
N PRO D 12 27.57 6.23 9.74
CA PRO D 12 28.09 4.87 9.56
C PRO D 12 27.19 3.75 10.07
N GLU D 13 27.10 3.65 11.39
CA GLU D 13 26.26 2.65 12.04
C GLU D 13 25.11 3.47 12.60
N PRO D 14 23.99 2.84 13.02
CA PRO D 14 23.75 1.41 13.00
C PRO D 14 23.86 0.74 11.64
N THR D 15 24.12 -0.56 11.70
CA THR D 15 24.21 -1.40 10.52
C THR D 15 22.79 -1.97 10.50
N LEU D 16 22.40 -2.62 9.40
CA LEU D 16 21.10 -3.20 9.37
C LEU D 16 21.13 -4.21 10.51
N GLU D 17 22.28 -4.87 10.65
CA GLU D 17 22.44 -5.84 11.72
C GLU D 17 22.29 -5.08 13.03
N ASP D 18 22.72 -3.83 13.05
CA ASP D 18 22.58 -3.03 14.26
C ASP D 18 21.12 -2.67 14.47
N ILE D 19 20.46 -2.24 13.39
CA ILE D 19 19.04 -1.89 13.46
C ILE D 19 18.22 -3.10 13.91
N ARG D 20 18.72 -4.30 13.61
CA ARG D 20 18.00 -5.52 14.00
C ARG D 20 18.12 -5.71 15.50
N ARG D 21 19.33 -5.97 15.97
CA ARG D 21 19.57 -6.18 17.40
C ARG D 21 18.96 -5.13 18.34
N LEU D 22 18.43 -4.06 17.78
CA LEU D 22 17.81 -3.01 18.58
C LEU D 22 16.32 -3.27 18.69
N HIS D 23 15.60 -3.23 17.57
CA HIS D 23 14.16 -3.50 17.62
C HIS D 23 14.04 -4.88 18.26
N ALA D 24 14.92 -5.79 17.83
CA ALA D 24 14.96 -7.17 18.32
C ALA D 24 14.76 -7.25 19.83
N GLU D 25 15.32 -6.28 20.57
CA GLU D 25 15.27 -6.28 22.04
C GLU D 25 14.17 -5.46 22.68
N PHE D 26 13.99 -4.23 22.21
CA PHE D 26 12.92 -3.38 22.77
C PHE D 26 11.62 -4.14 22.94
N ALA D 27 11.24 -5.03 22.00
CA ALA D 27 10.00 -5.81 22.04
C ALA D 27 10.21 -6.95 23.01
N ALA D 28 11.30 -7.73 22.88
CA ALA D 28 11.60 -8.88 23.75
C ALA D 28 11.52 -8.49 25.22
N GLU D 29 11.19 -7.22 25.47
CA GLU D 29 10.97 -6.64 26.79
C GLU D 29 9.53 -6.13 26.85
N ARG D 30 8.95 -5.99 25.66
CA ARG D 30 7.59 -5.54 25.49
C ARG D 30 6.79 -6.75 24.98
N ASP D 31 7.41 -7.92 25.15
CA ASP D 31 6.82 -9.19 24.73
C ASP D 31 5.96 -9.00 23.50
N TRP D 32 6.62 -8.97 22.34
CA TRP D 32 5.95 -8.76 21.06
C TRP D 32 6.06 -9.93 20.09
N GLU D 33 7.30 -10.33 19.84
CA GLU D 33 7.68 -11.38 18.89
C GLU D 33 6.59 -12.39 18.52
N GLN D 34 5.69 -12.68 19.44
CA GLN D 34 4.61 -13.62 19.15
C GLN D 34 3.66 -13.13 18.05
N PHE D 35 2.92 -12.08 18.32
CA PHE D 35 2.06 -11.50 17.26
C PHE D 35 2.94 -11.21 16.02
N HIS D 36 4.25 -11.03 16.24
CA HIS D 36 5.24 -10.77 15.18
C HIS D 36 5.29 -12.04 14.36
N GLN D 37 4.34 -12.20 13.45
CA GLN D 37 4.37 -13.36 12.58
C GLN D 37 4.45 -12.67 11.27
N PRO D 38 4.93 -13.38 10.24
CA PRO D 38 5.04 -12.76 8.91
C PRO D 38 3.98 -11.72 8.53
N ARG D 39 2.84 -12.17 8.04
CA ARG D 39 1.81 -11.24 7.66
C ARG D 39 1.57 -10.14 8.71
N ASN D 40 1.62 -10.48 9.98
CA ASN D 40 1.42 -9.46 11.00
C ASN D 40 2.47 -8.37 10.80
N LEU D 41 3.71 -8.79 10.64
CA LEU D 41 4.81 -7.88 10.41
C LEU D 41 4.60 -7.18 9.06
N LEU D 42 4.22 -7.94 8.03
CA LEU D 42 4.00 -7.37 6.72
C LEU D 42 2.94 -6.27 6.82
N LEU D 43 1.72 -6.66 7.14
CA LEU D 43 0.61 -5.72 7.27
C LEU D 43 0.96 -4.45 8.03
N ALA D 44 1.90 -4.55 8.96
CA ALA D 44 2.29 -3.38 9.73
C ALA D 44 3.09 -2.42 8.85
N LEU D 45 4.13 -2.97 8.21
CA LEU D 45 5.00 -2.22 7.31
C LEU D 45 4.14 -1.44 6.34
N VAL D 46 2.99 -2.04 6.02
CA VAL D 46 2.05 -1.44 5.08
C VAL D 46 1.26 -0.26 5.68
N GLY D 47 1.15 -0.20 7.00
CA GLY D 47 0.43 0.91 7.61
C GLY D 47 1.36 2.10 7.72
N GLU D 48 2.64 1.80 7.93
CA GLU D 48 3.65 2.84 8.04
C GLU D 48 3.88 3.40 6.64
N VAL D 49 3.90 2.53 5.64
CA VAL D 49 4.07 2.99 4.27
C VAL D 49 2.90 3.93 4.01
N GLY D 50 1.72 3.52 4.48
CA GLY D 50 0.56 4.36 4.34
C GLY D 50 0.85 5.68 5.04
N GLU D 51 1.23 5.61 6.31
CA GLU D 51 1.54 6.80 7.05
C GLU D 51 2.66 7.62 6.39
N LEU D 52 3.47 6.96 5.56
CA LEU D 52 4.57 7.62 4.88
C LEU D 52 4.08 8.48 3.71
N ALA D 53 3.14 7.93 2.96
CA ALA D 53 2.53 8.63 1.82
C ALA D 53 1.57 9.75 2.27
N GLU D 54 1.02 9.64 3.49
CA GLU D 54 0.09 10.63 4.03
C GLU D 54 0.78 11.93 4.36
N LEU D 55 1.89 12.18 3.67
CA LEU D 55 2.63 13.42 3.82
C LEU D 55 2.84 13.94 2.39
N PHE D 56 3.00 13.02 1.44
CA PHE D 56 3.19 13.36 0.03
C PHE D 56 1.89 13.39 -0.78
N GLN D 57 0.80 12.89 -0.21
CA GLN D 57 -0.47 12.88 -0.92
C GLN D 57 -0.98 14.29 -1.22
N TRP D 58 -0.47 15.28 -0.48
CA TRP D 58 -0.90 16.67 -0.70
C TRP D 58 0.24 17.55 -1.26
N LYS D 59 1.46 17.14 -0.99
CA LYS D 59 2.59 17.91 -1.45
C LYS D 59 2.79 17.60 -2.92
N SER D 60 3.02 18.63 -3.76
CA SER D 60 3.29 18.39 -5.17
C SER D 60 4.81 18.45 -5.34
N ASP D 61 5.36 17.64 -6.24
CA ASP D 61 6.82 17.57 -6.46
C ASP D 61 7.46 18.82 -7.10
N THR D 62 6.61 19.80 -7.35
CA THR D 62 6.97 21.08 -7.95
C THR D 62 6.71 22.06 -6.82
N GLU D 63 7.08 21.60 -5.62
CA GLU D 63 6.89 22.30 -4.38
C GLU D 63 8.22 22.32 -3.62
N PRO D 64 8.27 23.00 -2.48
CA PRO D 64 9.49 23.08 -1.67
C PRO D 64 10.28 21.80 -1.42
N GLY D 65 9.95 20.70 -2.09
CA GLY D 65 10.72 19.47 -1.89
C GLY D 65 10.79 19.04 -0.44
N PRO D 66 11.15 17.76 -0.16
CA PRO D 66 11.23 17.30 1.23
C PRO D 66 12.23 18.00 2.17
N GLN D 67 13.43 18.28 1.68
CA GLN D 67 14.44 18.95 2.49
C GLN D 67 13.84 20.19 3.10
N ALA D 68 13.33 21.03 2.21
CA ALA D 68 12.70 22.28 2.60
C ALA D 68 11.28 22.08 3.18
N TRP D 69 11.19 21.21 4.18
CA TRP D 69 9.91 20.95 4.84
C TRP D 69 9.99 21.47 6.27
N PRO D 70 8.94 22.16 6.74
CA PRO D 70 8.88 22.71 8.10
C PRO D 70 9.41 21.66 9.06
N PRO D 71 10.17 22.09 10.06
CA PRO D 71 10.73 21.14 11.03
C PRO D 71 9.76 20.02 11.40
N LYS D 72 8.66 20.37 12.05
CA LYS D 72 7.65 19.40 12.47
C LYS D 72 7.20 18.44 11.37
N GLU D 73 7.38 18.84 10.11
CA GLU D 73 7.02 17.98 8.99
C GLU D 73 8.16 17.01 8.73
N ARG D 74 9.37 17.56 8.64
CA ARG D 74 10.56 16.77 8.40
C ARG D 74 10.77 15.89 9.62
N ALA D 75 10.22 16.32 10.75
CA ALA D 75 10.35 15.55 11.96
C ALA D 75 9.51 14.32 11.75
N ALA D 76 8.23 14.54 11.50
CA ALA D 76 7.32 13.44 11.26
C ALA D 76 7.89 12.54 10.16
N LEU D 77 8.40 13.15 9.10
CA LEU D 77 8.97 12.43 7.98
C LEU D 77 10.07 11.41 8.37
N GLN D 78 10.88 11.79 9.35
CA GLN D 78 11.96 10.93 9.81
C GLN D 78 11.37 9.84 10.69
N GLU D 79 10.45 10.23 11.56
CA GLU D 79 9.85 9.27 12.46
C GLU D 79 9.12 8.23 11.59
N GLU D 80 8.76 8.60 10.37
CA GLU D 80 8.06 7.65 9.50
C GLU D 80 9.02 6.79 8.68
N LEU D 81 10.00 7.42 8.05
CA LEU D 81 10.99 6.69 7.27
C LEU D 81 11.68 5.64 8.15
N SER D 82 11.72 5.88 9.45
CA SER D 82 12.32 4.95 10.39
C SER D 82 11.47 3.71 10.48
N ASP D 83 10.28 3.86 11.05
CA ASP D 83 9.33 2.75 11.23
C ASP D 83 9.21 1.84 10.02
N VAL D 84 9.18 2.44 8.83
CA VAL D 84 9.11 1.68 7.59
C VAL D 84 10.37 0.80 7.51
N LEU D 85 11.45 1.27 8.12
CA LEU D 85 12.71 0.52 8.16
C LEU D 85 12.70 -0.46 9.34
N ILE D 86 12.15 -0.01 10.47
CA ILE D 86 12.07 -0.86 11.64
C ILE D 86 11.23 -2.09 11.37
N TYR D 87 10.29 -2.00 10.43
CA TYR D 87 9.47 -3.15 10.11
C TYR D 87 9.97 -3.92 8.94
N LEU D 88 10.67 -3.25 8.03
CA LEU D 88 11.19 -3.96 6.87
C LEU D 88 12.21 -4.98 7.37
N VAL D 89 13.08 -4.49 8.25
CA VAL D 89 14.14 -5.30 8.84
C VAL D 89 13.55 -6.36 9.79
N ALA D 90 12.40 -6.03 10.39
CA ALA D 90 11.74 -6.95 11.30
C ALA D 90 11.13 -8.11 10.52
N LEU D 91 10.50 -7.81 9.39
CA LEU D 91 9.89 -8.83 8.54
C LEU D 91 10.98 -9.70 7.93
N ALA D 92 12.02 -9.06 7.43
CA ALA D 92 13.13 -9.78 6.86
C ALA D 92 13.63 -10.85 7.86
N ALA D 93 14.24 -10.41 8.95
CA ALA D 93 14.76 -11.30 9.98
C ALA D 93 13.86 -12.49 10.30
N ARG D 94 12.56 -12.23 10.28
CA ARG D 94 11.57 -13.24 10.59
C ARG D 94 11.46 -14.28 9.49
N CYS D 95 11.83 -13.87 8.27
CA CYS D 95 11.77 -14.72 7.10
C CYS D 95 13.09 -15.42 6.93
N HIS D 96 14.08 -14.98 7.68
CA HIS D 96 15.42 -15.55 7.55
C HIS D 96 15.83 -15.08 6.17
N VAL D 97 16.07 -13.78 6.00
CA VAL D 97 16.43 -13.26 4.69
C VAL D 97 17.73 -12.46 4.58
N ASP D 98 18.39 -12.15 5.69
CA ASP D 98 19.64 -11.41 5.59
C ASP D 98 19.44 -10.29 4.54
N LEU D 99 18.61 -9.31 4.91
CA LEU D 99 18.31 -8.17 4.05
C LEU D 99 19.57 -7.55 3.44
N PRO D 100 20.66 -7.48 4.21
CA PRO D 100 21.93 -6.89 3.74
C PRO D 100 22.60 -7.65 2.59
N GLN D 101 22.52 -8.98 2.61
CA GLN D 101 23.15 -9.77 1.58
C GLN D 101 22.26 -9.94 0.38
N ALA D 102 20.95 -9.93 0.61
CA ALA D 102 19.99 -10.08 -0.48
C ALA D 102 20.13 -8.92 -1.44
N VAL D 103 20.76 -7.84 -0.97
CA VAL D 103 20.98 -6.63 -1.74
C VAL D 103 22.14 -6.79 -2.70
N ILE D 104 23.16 -7.52 -2.24
CA ILE D 104 24.34 -7.77 -3.06
C ILE D 104 23.88 -8.66 -4.20
N SER D 105 23.29 -9.80 -3.85
CA SER D 105 22.81 -10.73 -4.86
C SER D 105 22.12 -9.92 -5.97
N LYS D 106 21.48 -8.82 -5.58
CA LYS D 106 20.79 -7.95 -6.53
C LYS D 106 21.80 -7.29 -7.45
N MET D 107 22.77 -6.61 -6.86
CA MET D 107 23.83 -5.91 -7.60
C MET D 107 24.43 -6.81 -8.68
N ASP D 108 24.35 -8.12 -8.42
CA ASP D 108 24.86 -9.14 -9.34
C ASP D 108 24.07 -9.20 -10.65
N THR D 109 23.53 -8.04 -11.05
CA THR D 109 22.77 -7.95 -12.29
C THR D 109 23.72 -8.16 -13.46
N1 523 E . -9.82 -14.10 -7.23
C2 523 E . -10.62 -13.77 -6.11
N3 523 E . -10.41 -14.36 -4.94
C4 523 E . -9.48 -15.30 -4.78
C5 523 E . -8.66 -15.69 -5.87
C5A 523 E . -7.62 -16.74 -5.69
C6 523 E . -8.85 -15.08 -7.08
O2 523 E . -11.49 -12.93 -6.18
N4 523 E . -9.31 -15.89 -3.55
C1' 523 E . -10.00 -13.45 -8.59
C2' 523 E . -10.52 -12.01 -8.47
C3' 523 E . -9.40 -11.11 -9.05
C4' 523 E . -8.57 -12.11 -9.96
O4' 523 E . -8.73 -13.38 -9.23
O3' 523 E . -10.01 -10.07 -9.86
C5' 523 E . -7.03 -11.92 -9.98
O5' 523 E . -6.75 -11.85 -11.40
PA 523 E . -5.17 -11.74 -11.85
O1A 523 E . -4.35 -12.68 -11.07
O2A 523 E . -4.95 -11.97 -13.44
O3A 523 E . -4.75 -10.24 -11.51
PB 523 E . -3.14 -9.95 -11.46
O1B 523 E . -2.65 -8.70 -10.82
O2B 523 E . -2.42 -11.12 -10.71
O3B 523 E . -2.68 -10.14 -12.98
PG 523 E . -1.32 -10.96 -13.10
O1G 523 E . -1.46 -12.13 -14.06
O2G 523 E . -0.21 -9.87 -13.57
O3G 523 E . -0.92 -11.51 -11.67
N1 523 F . -10.66 14.73 2.03
C2 523 F . -10.43 15.12 0.71
N3 523 F . -9.28 15.70 0.34
C4 523 F . -8.32 15.97 1.22
C5 523 F . -8.48 15.62 2.58
C5A 523 F . -7.42 15.93 3.58
C6 523 F . -9.65 15.02 2.98
O2 523 F . -11.26 14.90 -0.17
N4 523 F . -7.17 16.58 0.80
C1' 523 F . -11.92 14.06 2.51
C2' 523 F . -12.36 12.94 1.55
C3' 523 F . -12.27 11.64 2.39
C4' 523 F . -12.35 12.16 3.88
O4' 523 F . -11.69 13.46 3.79
O3' 523 F . -13.43 10.82 2.09
C5' 523 F . -11.47 11.41 4.94
O5' 523 F . -10.43 12.38 5.19
PA 523 F . -9.21 11.93 6.20
O1A 523 F . -8.40 10.86 5.58
O2A 523 F . -8.28 13.15 6.66
O3A 523 F . -9.95 11.37 7.50
PB 523 F . -8.98 10.73 8.66
O1B 523 F . -9.54 10.49 10.02
O2B 523 F . -8.45 9.34 8.15
O3B 523 F . -7.70 11.67 8.62
PG 523 F . -6.50 11.09 9.51
O1G 523 F . -5.67 10.07 8.74
O2G 523 F . -5.64 12.39 9.95
O3G 523 F . -7.10 10.40 10.80
#